data_5HIW
#
_entry.id   5HIW
#
_cell.length_a   60.420
_cell.length_b   60.420
_cell.length_c   190.820
_cell.angle_alpha   90.00
_cell.angle_beta   90.00
_cell.angle_gamma   120.00
#
_symmetry.space_group_name_H-M   'P 31 2 1'
#
loop_
_entity.id
_entity.type
_entity.pdbx_description
1 polymer 'Cytochrome P450 CYP260B1'
2 non-polymer 'PROTOPORPHYRIN IX CONTAINING FE'
3 non-polymer 'MAGNESIUM ION'
4 water water
#
_entity_poly.entity_id   1
_entity_poly.type   'polypeptide(L)'
_entity_poly.pdbx_seq_one_letter_code
;MLPRKNLFSFTSKDPSAFGIHLAAAAREHSVYFDEGLGVPVVLRGADVVAVLRDSETFSTRTYDTGIMKGALVTLGGEAH
TRMRRLFNAVLSPRVISRYEEATVTPVARRVVERLVRKERAELFDDFAISMPMGVTSALFGLPEERIAENDALIRKMIRS
VVMPQDPVVVAEGRSAHAAMEAQLREIAEREVAHPSDTLLGEIARAIVAEGLGGVEACEGVVLTLILGSYETTSWMLANL
LVALLAHPDAMNQLRQQPSLLPQAIEESTRWCSSAAGIVRFVEREATIGGETLAAGTILYLSLIARHYDEEIYPRPETFD
IHRRPVGMLNFGGGLHYCVGAPLARMEARVGVSLLLERFPALRADPTVQPTFSTAPRGAAAFGPDQIPALLVHHHHHH
;
_entity_poly.pdbx_strand_id   A
#
# COMPACT_ATOMS: atom_id res chain seq x y z
N MET A 1 -27.94 -16.80 -8.34
CA MET A 1 -26.99 -16.30 -9.38
C MET A 1 -26.83 -14.74 -9.34
N LEU A 2 -25.60 -14.35 -8.99
CA LEU A 2 -25.15 -12.99 -9.18
C LEU A 2 -24.97 -12.75 -10.65
N PRO A 3 -25.21 -11.54 -11.09
CA PRO A 3 -24.81 -11.27 -12.42
C PRO A 3 -23.30 -11.41 -12.53
N ARG A 4 -22.78 -11.73 -13.71
CA ARG A 4 -21.34 -11.99 -13.84
C ARG A 4 -20.69 -11.13 -14.90
N LYS A 5 -19.46 -10.66 -14.65
CA LYS A 5 -18.75 -9.78 -15.56
C LYS A 5 -17.26 -10.01 -15.37
N ASN A 6 -16.42 -9.48 -16.25
CA ASN A 6 -14.96 -9.64 -16.09
C ASN A 6 -14.41 -8.21 -16.20
N LEU A 7 -14.33 -7.51 -15.07
CA LEU A 7 -13.91 -6.11 -15.09
C LEU A 7 -12.43 -5.89 -14.72
N PHE A 8 -11.82 -6.84 -14.04
CA PHE A 8 -10.46 -6.66 -13.52
C PHE A 8 -9.33 -6.98 -14.51
N SER A 9 -9.69 -7.60 -15.63
CA SER A 9 -8.70 -7.88 -16.69
C SER A 9 -8.54 -6.65 -17.61
N PHE A 10 -9.37 -5.66 -17.45
CA PHE A 10 -9.24 -4.37 -18.16
C PHE A 10 -7.78 -3.86 -18.09
N THR A 11 -7.19 -3.52 -19.22
CA THR A 11 -5.93 -2.78 -19.28
C THR A 11 -6.09 -1.51 -20.11
N SER A 12 -5.15 -0.59 -19.97
CA SER A 12 -5.22 0.69 -20.67
C SER A 12 -3.98 1.50 -20.55
N LYS A 13 -3.79 2.41 -21.50
CA LYS A 13 -2.74 3.39 -21.38
C LYS A 13 -3.18 4.63 -20.64
N ASP A 14 -4.45 4.72 -20.32
CA ASP A 14 -5.00 5.91 -19.70
C ASP A 14 -5.18 5.55 -18.24
N PRO A 15 -4.51 6.26 -17.37
CA PRO A 15 -4.54 5.91 -15.97
C PRO A 15 -5.89 5.98 -15.27
N SER A 16 -6.84 6.75 -15.80
CA SER A 16 -8.11 6.90 -15.14
C SER A 16 -9.21 6.01 -15.78
N ALA A 17 -8.88 5.21 -16.79
CA ALA A 17 -9.94 4.46 -17.52
C ALA A 17 -10.53 3.37 -16.65
N PHE A 18 -9.69 2.78 -15.81
CA PHE A 18 -10.18 1.70 -14.97
C PHE A 18 -11.14 2.20 -13.93
N GLY A 19 -10.88 3.34 -13.31
CA GLY A 19 -11.81 3.80 -12.27
C GLY A 19 -13.11 4.23 -12.92
N ILE A 20 -13.00 4.81 -14.09
CA ILE A 20 -14.22 5.18 -14.87
C ILE A 20 -15.08 3.93 -15.16
N HIS A 21 -14.40 2.90 -15.62
CA HIS A 21 -14.98 1.58 -15.95
C HIS A 21 -15.67 0.95 -14.77
N LEU A 22 -15.02 0.94 -13.61
CA LEU A 22 -15.66 0.45 -12.43
C LEU A 22 -16.85 1.25 -11.96
N ALA A 23 -16.74 2.57 -11.97
CA ALA A 23 -17.87 3.36 -11.52
C ALA A 23 -19.10 3.18 -12.49
N ALA A 24 -18.83 3.09 -13.81
CA ALA A 24 -19.90 2.76 -14.81
C ALA A 24 -20.56 1.39 -14.52
N ALA A 25 -19.75 0.40 -14.21
CA ALA A 25 -20.27 -0.93 -13.89
C ALA A 25 -21.05 -0.89 -12.60
N ALA A 26 -20.59 -0.11 -11.62
CA ALA A 26 -21.28 0.00 -10.31
C ALA A 26 -22.69 0.65 -10.46
N ARG A 27 -22.80 1.64 -11.33
CA ARG A 27 -24.13 2.15 -11.70
C ARG A 27 -25.03 0.99 -12.16
N GLU A 28 -24.54 0.07 -12.97
CA GLU A 28 -25.40 -1.08 -13.33
C GLU A 28 -25.70 -2.07 -12.20
N HIS A 29 -24.67 -2.61 -11.51
CA HIS A 29 -24.86 -3.48 -10.33
C HIS A 29 -23.72 -3.19 -9.32
N SER A 30 -24.06 -3.06 -8.06
CA SER A 30 -23.04 -2.97 -7.03
C SER A 30 -22.28 -4.26 -6.79
N VAL A 31 -23.01 -5.37 -6.68
CA VAL A 31 -22.48 -6.71 -6.36
C VAL A 31 -22.62 -7.64 -7.58
N TYR A 32 -21.55 -8.28 -7.97
CA TYR A 32 -21.47 -9.05 -9.21
C TYR A 32 -20.37 -10.02 -9.02
N PHE A 33 -20.33 -11.10 -9.81
CA PHE A 33 -19.32 -12.11 -9.64
C PHE A 33 -18.39 -11.80 -10.76
N ASP A 34 -17.14 -11.53 -10.38
CA ASP A 34 -16.11 -11.30 -11.37
C ASP A 34 -15.45 -12.61 -11.74
N GLU A 35 -15.62 -12.97 -13.01
CA GLU A 35 -15.06 -14.22 -13.57
C GLU A 35 -13.56 -14.24 -13.67
N GLY A 36 -12.93 -13.07 -13.82
CA GLY A 36 -11.43 -12.99 -13.82
C GLY A 36 -10.90 -13.23 -12.40
N LEU A 37 -11.49 -12.62 -11.39
CA LEU A 37 -11.07 -12.82 -9.97
C LEU A 37 -11.57 -14.10 -9.38
N GLY A 38 -12.72 -14.59 -9.83
CA GLY A 38 -13.29 -15.83 -9.28
C GLY A 38 -14.09 -15.64 -8.00
N VAL A 39 -14.52 -14.42 -7.69
CA VAL A 39 -15.27 -14.14 -6.50
C VAL A 39 -16.27 -13.06 -6.70
N PRO A 40 -17.29 -12.99 -5.81
CA PRO A 40 -18.18 -11.85 -5.80
C PRO A 40 -17.39 -10.57 -5.44
N VAL A 41 -17.81 -9.45 -5.97
CA VAL A 41 -17.18 -8.13 -5.76
C VAL A 41 -18.28 -7.20 -5.35
N VAL A 42 -17.98 -6.34 -4.38
CA VAL A 42 -18.79 -5.17 -4.06
C VAL A 42 -18.16 -3.93 -4.59
N LEU A 43 -18.91 -3.25 -5.39
CA LEU A 43 -18.44 -2.01 -6.00
C LEU A 43 -18.83 -0.70 -5.33
N ARG A 44 -20.11 -0.49 -5.01
CA ARG A 44 -20.53 0.87 -4.58
C ARG A 44 -19.91 1.21 -3.24
N GLY A 45 -19.46 2.44 -3.18
CA GLY A 45 -18.80 2.97 -1.99
C GLY A 45 -19.60 2.77 -0.71
N ALA A 46 -20.90 3.06 -0.73
CA ALA A 46 -21.73 2.88 0.45
C ALA A 46 -21.85 1.45 0.88
N ASP A 47 -21.87 0.50 -0.07
CA ASP A 47 -21.88 -0.90 0.27
C ASP A 47 -20.53 -1.37 0.80
N VAL A 48 -19.47 -0.85 0.23
CA VAL A 48 -18.16 -1.22 0.70
C VAL A 48 -17.95 -0.72 2.17
N VAL A 49 -18.28 0.53 2.43
CA VAL A 49 -18.19 1.09 3.80
C VAL A 49 -19.02 0.32 4.79
N ALA A 50 -20.25 -0.03 4.38
CA ALA A 50 -21.10 -0.89 5.23
C ALA A 50 -20.47 -2.24 5.59
N VAL A 51 -19.90 -2.93 4.59
CA VAL A 51 -19.21 -4.19 4.85
C VAL A 51 -18.08 -3.95 5.81
N LEU A 52 -17.25 -2.94 5.52
CA LEU A 52 -16.08 -2.68 6.42
C LEU A 52 -16.52 -2.35 7.89
N ARG A 53 -17.64 -1.66 8.05
CA ARG A 53 -18.20 -1.37 9.36
C ARG A 53 -18.63 -2.64 10.14
N ASP A 54 -19.20 -3.64 9.49
CA ASP A 54 -19.70 -4.81 10.19
C ASP A 54 -18.63 -5.92 10.18
N SER A 55 -17.69 -5.82 11.09
CA SER A 55 -16.64 -6.81 11.12
C SER A 55 -17.04 -8.20 11.63
N GLU A 56 -18.17 -8.30 12.34
CA GLU A 56 -18.60 -9.57 12.93
C GLU A 56 -19.18 -10.43 11.84
N THR A 57 -19.93 -9.83 10.93
CA THR A 57 -20.48 -10.58 9.79
C THR A 57 -19.41 -10.78 8.71
N PHE A 58 -18.58 -9.74 8.48
CA PHE A 58 -17.60 -9.79 7.40
C PHE A 58 -16.20 -9.79 8.03
N SER A 59 -15.66 -10.96 8.29
CA SER A 59 -14.38 -11.04 9.01
C SER A 59 -13.16 -11.02 8.12
N THR A 60 -12.00 -11.13 8.75
CA THR A 60 -10.74 -11.26 8.03
C THR A 60 -10.22 -12.71 8.05
N ARG A 61 -11.12 -13.65 8.23
CA ARG A 61 -10.72 -15.07 8.38
C ARG A 61 -9.84 -15.55 7.23
N THR A 62 -10.09 -15.04 6.02
CA THR A 62 -9.37 -15.52 4.82
C THR A 62 -7.91 -15.19 4.89
N TYR A 63 -7.54 -14.17 5.68
CA TYR A 63 -6.13 -13.79 5.81
CA TYR A 63 -6.17 -13.81 5.77
C TYR A 63 -5.41 -14.70 6.78
N ASP A 64 -6.13 -15.45 7.61
CA ASP A 64 -5.54 -16.19 8.78
C ASP A 64 -4.97 -17.57 8.40
N THR A 65 -3.86 -17.51 7.69
CA THR A 65 -3.24 -18.65 7.06
C THR A 65 -1.76 -18.36 6.80
N GLY A 66 -1.00 -19.43 6.77
CA GLY A 66 0.40 -19.33 6.47
C GLY A 66 1.08 -18.39 7.41
N ILE A 67 1.96 -17.54 6.87
CA ILE A 67 2.81 -16.69 7.66
C ILE A 67 2.01 -15.53 8.23
N MET A 68 0.81 -15.35 7.75
CA MET A 68 -0.09 -14.34 8.32
C MET A 68 -0.93 -14.86 9.49
N LYS A 69 -0.81 -16.13 9.84
CA LYS A 69 -1.69 -16.68 10.88
C LYS A 69 -1.52 -15.96 12.21
N GLY A 70 -2.65 -15.53 12.81
CA GLY A 70 -2.57 -14.89 14.14
C GLY A 70 -2.04 -13.47 14.13
N ALA A 71 -1.86 -12.88 12.93
CA ALA A 71 -1.32 -11.50 12.80
C ALA A 71 -2.41 -10.43 12.99
N LEU A 72 -1.99 -9.20 13.20
CA LEU A 72 -2.92 -8.10 13.48
C LEU A 72 -4.22 -8.07 12.65
N VAL A 73 -4.08 -8.12 11.33
CA VAL A 73 -5.22 -8.00 10.47
C VAL A 73 -6.25 -9.14 10.54
N THR A 74 -5.84 -10.25 11.08
CA THR A 74 -6.70 -11.48 11.27
C THR A 74 -7.58 -11.44 12.53
N LEU A 75 -7.20 -10.55 13.43
CA LEU A 75 -7.78 -10.37 14.75
C LEU A 75 -9.06 -9.56 14.74
N GLY A 76 -9.96 -9.88 15.64
CA GLY A 76 -11.18 -9.09 15.89
C GLY A 76 -11.26 -8.80 17.38
N GLY A 77 -12.37 -8.27 17.83
CA GLY A 77 -12.59 -8.06 19.27
C GLY A 77 -11.47 -7.44 20.02
N GLU A 78 -11.19 -8.04 21.16
CA GLU A 78 -10.33 -7.49 22.17
C GLU A 78 -8.89 -7.73 21.80
N ALA A 79 -8.70 -8.87 21.18
CA ALA A 79 -7.38 -9.24 20.66
C ALA A 79 -6.89 -8.09 19.74
N HIS A 80 -7.76 -7.63 18.86
CA HIS A 80 -7.30 -6.63 17.88
C HIS A 80 -7.07 -5.33 18.59
N THR A 81 -7.97 -4.98 19.51
CA THR A 81 -7.81 -3.71 20.17
C THR A 81 -6.49 -3.55 20.88
N ARG A 82 -6.06 -4.60 21.58
N ARG A 82 -6.02 -4.55 21.61
CA ARG A 82 -4.83 -4.63 22.37
CA ARG A 82 -4.77 -4.42 22.34
C ARG A 82 -3.57 -4.53 21.46
C ARG A 82 -3.55 -4.43 21.40
N MET A 83 -3.56 -5.32 20.40
CA MET A 83 -2.40 -5.37 19.49
C MET A 83 -2.38 -4.08 18.67
N ARG A 84 -3.55 -3.61 18.26
CA ARG A 84 -3.63 -2.35 17.55
C ARG A 84 -3.07 -1.16 18.33
N ARG A 85 -3.26 -1.17 19.66
CA ARG A 85 -2.73 -0.11 20.51
C ARG A 85 -1.21 -0.05 20.49
N LEU A 86 -0.61 -1.23 20.49
CA LEU A 86 0.87 -1.38 20.35
C LEU A 86 1.31 -0.81 19.03
N PHE A 87 0.72 -1.31 17.93
CA PHE A 87 1.07 -0.71 16.58
C PHE A 87 0.87 0.77 16.52
N ASN A 88 -0.25 1.30 17.06
CA ASN A 88 -0.47 2.74 16.99
C ASN A 88 0.64 3.51 17.71
N ALA A 89 1.15 2.93 18.79
CA ALA A 89 2.19 3.59 19.56
C ALA A 89 3.50 3.65 18.82
N VAL A 90 3.79 2.69 17.98
CA VAL A 90 5.07 2.73 17.31
C VAL A 90 5.00 3.49 15.99
N LEU A 91 3.81 3.93 15.59
CA LEU A 91 3.66 4.72 14.39
C LEU A 91 2.98 6.10 14.64
N SER A 92 3.23 6.63 15.82
CA SER A 92 2.58 7.87 16.28
C SER A 92 3.29 9.01 15.61
N PRO A 93 2.76 10.28 15.69
CA PRO A 93 3.39 11.41 15.02
C PRO A 93 4.80 11.72 15.51
N ARG A 94 5.04 11.62 16.79
CA ARG A 94 6.43 11.75 17.26
C ARG A 94 7.38 10.76 16.57
N VAL A 95 6.96 9.50 16.41
CA VAL A 95 7.85 8.46 15.82
C VAL A 95 8.07 8.75 14.34
N ILE A 96 6.98 9.14 13.67
CA ILE A 96 7.02 9.44 12.27
C ILE A 96 8.02 10.55 12.06
N SER A 97 7.97 11.64 12.83
CA SER A 97 8.89 12.73 12.58
C SER A 97 10.34 12.30 12.92
N ARG A 98 10.47 11.48 13.95
CA ARG A 98 11.81 10.99 14.32
C ARG A 98 12.48 10.30 13.17
N TYR A 99 11.72 9.40 12.57
CA TYR A 99 12.24 8.59 11.41
C TYR A 99 12.24 9.30 10.09
N GLU A 100 11.41 10.32 9.96
CA GLU A 100 11.66 11.27 8.90
C GLU A 100 13.06 11.80 8.92
N GLU A 101 13.51 12.26 10.09
CA GLU A 101 14.80 12.90 10.14
C GLU A 101 15.92 11.86 10.12
N ALA A 102 15.75 10.81 10.88
CA ALA A 102 16.86 9.83 11.07
C ALA A 102 16.96 8.85 9.94
N THR A 103 15.86 8.52 9.25
CA THR A 103 15.93 7.44 8.27
C THR A 103 15.43 7.75 6.88
N VAL A 104 14.22 8.26 6.75
CA VAL A 104 13.66 8.44 5.40
C VAL A 104 14.36 9.52 4.60
N THR A 105 14.70 10.68 5.20
CA THR A 105 15.38 11.74 4.47
C THR A 105 16.75 11.30 3.95
N PRO A 106 17.58 10.69 4.83
CA PRO A 106 18.87 10.20 4.38
C PRO A 106 18.74 9.21 3.24
N VAL A 107 17.79 8.29 3.35
CA VAL A 107 17.57 7.30 2.27
C VAL A 107 17.13 7.98 1.00
N ALA A 108 16.11 8.85 1.10
CA ALA A 108 15.62 9.61 -0.06
C ALA A 108 16.75 10.38 -0.72
N ARG A 109 17.61 11.02 0.08
CA ARG A 109 18.76 11.75 -0.49
C ARG A 109 19.68 10.84 -1.30
N ARG A 110 19.93 9.64 -0.81
CA ARG A 110 20.82 8.68 -1.46
CA ARG A 110 20.83 8.73 -1.50
C ARG A 110 20.16 8.24 -2.80
N VAL A 111 18.87 7.96 -2.73
CA VAL A 111 18.12 7.47 -3.89
C VAL A 111 18.13 8.53 -4.99
N VAL A 112 17.89 9.78 -4.62
CA VAL A 112 17.79 10.86 -5.56
C VAL A 112 19.19 11.18 -6.15
N GLU A 113 20.21 11.17 -5.28
CA GLU A 113 21.61 11.40 -5.66
CA GLU A 113 21.56 11.48 -5.73
C GLU A 113 22.03 10.49 -6.82
N ARG A 114 21.58 9.24 -6.78
CA ARG A 114 21.93 8.28 -7.82
C ARG A 114 21.44 8.73 -9.16
N LEU A 115 20.41 9.57 -9.24
CA LEU A 115 19.84 9.92 -10.54
C LEU A 115 20.49 11.15 -11.14
N VAL A 116 21.34 11.79 -10.34
CA VAL A 116 21.75 13.16 -10.61
C VAL A 116 22.52 13.31 -11.94
N ARG A 117 23.28 12.30 -12.36
CA ARG A 117 24.01 12.54 -13.61
C ARG A 117 23.28 11.92 -14.78
N LYS A 118 22.04 11.50 -14.61
CA LYS A 118 21.40 10.75 -15.63
C LYS A 118 20.46 11.61 -16.43
N GLU A 119 20.22 11.15 -17.66
CA GLU A 119 19.36 11.82 -18.61
C GLU A 119 17.91 11.28 -18.55
N ARG A 120 17.74 10.00 -18.29
CA ARG A 120 16.41 9.47 -18.15
C ARG A 120 16.38 8.57 -16.94
N ALA A 121 15.15 8.28 -16.51
CA ALA A 121 14.95 7.26 -15.49
C ALA A 121 13.69 6.52 -15.77
N GLU A 122 13.65 5.29 -15.32
CA GLU A 122 12.46 4.60 -15.17
C GLU A 122 12.20 4.66 -13.65
N LEU A 123 11.28 5.53 -13.22
CA LEU A 123 11.16 5.90 -11.80
C LEU A 123 10.45 4.82 -10.96
N PHE A 124 9.88 3.80 -11.56
CA PHE A 124 9.41 2.66 -10.77
C PHE A 124 10.67 1.96 -10.21
N ASP A 125 11.52 1.45 -11.09
CA ASP A 125 12.75 0.77 -10.64
C ASP A 125 13.66 1.70 -9.86
N ASP A 126 13.83 2.96 -10.34
CA ASP A 126 14.85 3.90 -9.86
C ASP A 126 14.44 4.77 -8.62
N PHE A 127 13.17 4.74 -8.24
CA PHE A 127 12.66 5.50 -7.12
C PHE A 127 11.62 4.69 -6.33
N ALA A 128 10.52 4.26 -6.96
CA ALA A 128 9.41 3.68 -6.23
C ALA A 128 9.84 2.39 -5.52
N ILE A 129 10.73 1.63 -6.12
CA ILE A 129 11.21 0.41 -5.51
C ILE A 129 12.32 0.81 -4.49
N SER A 130 13.22 1.65 -4.93
CA SER A 130 14.49 2.02 -4.22
C SER A 130 14.23 2.59 -2.85
N MET A 131 13.16 3.36 -2.75
CA MET A 131 12.75 3.95 -1.46
C MET A 131 12.48 2.91 -0.35
N PRO A 132 11.50 2.03 -0.51
CA PRO A 132 11.31 1.02 0.49
C PRO A 132 12.45 0.01 0.66
N MET A 133 13.25 -0.26 -0.40
CA MET A 133 14.41 -1.09 -0.21
C MET A 133 15.41 -0.47 0.79
N GLY A 134 15.70 0.83 0.66
CA GLY A 134 16.53 1.51 1.62
C GLY A 134 15.87 1.75 2.97
N VAL A 135 14.62 2.12 2.96
CA VAL A 135 13.95 2.50 4.23
C VAL A 135 13.73 1.37 5.15
N THR A 136 13.33 0.19 4.65
CA THR A 136 12.94 -0.90 5.48
C THR A 136 14.15 -1.42 6.26
N SER A 137 15.28 -1.63 5.60
CA SER A 137 16.49 -2.12 6.31
C SER A 137 16.93 -1.10 7.36
N ALA A 138 16.90 0.16 7.02
CA ALA A 138 17.33 1.22 7.98
C ALA A 138 16.44 1.36 9.16
N LEU A 139 15.12 1.31 8.94
CA LEU A 139 14.17 1.30 10.06
C LEU A 139 14.36 0.15 11.01
N PHE A 140 14.69 -1.04 10.50
CA PHE A 140 14.68 -2.20 11.32
C PHE A 140 16.07 -2.79 11.68
N GLY A 141 17.11 -2.04 11.41
CA GLY A 141 18.50 -2.37 11.85
C GLY A 141 19.03 -3.54 11.04
N LEU A 142 18.47 -3.76 9.85
CA LEU A 142 19.00 -4.82 8.97
C LEU A 142 20.20 -4.31 8.24
N PRO A 143 21.18 -5.16 8.04
CA PRO A 143 22.45 -4.74 7.46
C PRO A 143 22.34 -4.34 6.02
N GLU A 144 23.04 -3.30 5.62
CA GLU A 144 23.07 -2.87 4.28
C GLU A 144 23.55 -3.97 3.33
N GLU A 145 24.47 -4.82 3.76
CA GLU A 145 25.04 -5.82 2.80
C GLU A 145 24.02 -6.92 2.50
N ARG A 146 22.89 -6.98 3.23
CA ARG A 146 21.92 -8.03 2.98
C ARG A 146 20.66 -7.48 2.22
N ILE A 147 20.73 -6.26 1.72
CA ILE A 147 19.49 -5.62 1.11
C ILE A 147 18.91 -6.45 -0.02
N ALA A 148 19.76 -6.86 -0.96
CA ALA A 148 19.25 -7.79 -2.08
C ALA A 148 18.69 -9.14 -1.63
N GLU A 149 19.42 -9.77 -0.68
CA GLU A 149 19.02 -11.05 -0.15
C GLU A 149 17.64 -10.89 0.50
N ASN A 150 17.54 -9.83 1.31
CA ASN A 150 16.31 -9.58 2.03
C ASN A 150 15.12 -9.15 1.14
N ASP A 151 15.42 -8.41 0.10
CA ASP A 151 14.43 -8.13 -0.94
C ASP A 151 13.84 -9.43 -1.49
N ALA A 152 14.70 -10.37 -1.90
CA ALA A 152 14.22 -11.64 -2.36
C ALA A 152 13.46 -12.47 -1.33
N LEU A 153 13.91 -12.47 -0.07
CA LEU A 153 13.18 -13.11 1.00
C LEU A 153 11.77 -12.51 1.21
N ILE A 154 11.69 -11.20 1.29
CA ILE A 154 10.41 -10.54 1.46
C ILE A 154 9.45 -10.80 0.29
N ARG A 155 9.94 -10.67 -0.94
CA ARG A 155 9.14 -11.01 -2.14
C ARG A 155 8.61 -12.43 -2.09
N LYS A 156 9.40 -13.35 -1.59
CA LYS A 156 8.95 -14.73 -1.44
C LYS A 156 7.85 -14.82 -0.38
N MET A 157 8.04 -14.15 0.77
CA MET A 157 6.93 -14.07 1.77
C MET A 157 5.65 -13.53 1.19
N ILE A 158 5.75 -12.44 0.45
CA ILE A 158 4.63 -11.80 -0.15
C ILE A 158 3.96 -12.74 -1.18
N ARG A 159 4.74 -13.38 -2.02
CA ARG A 159 4.19 -14.41 -2.93
C ARG A 159 3.36 -15.47 -2.19
N SER A 160 3.82 -15.90 -1.02
CA SER A 160 3.15 -16.97 -0.28
C SER A 160 1.77 -16.51 0.26
N VAL A 161 1.61 -15.20 0.46
CA VAL A 161 0.36 -14.59 0.94
C VAL A 161 -0.63 -14.36 -0.19
N VAL A 162 -0.08 -14.24 -1.38
CA VAL A 162 -0.86 -14.21 -2.62
C VAL A 162 -1.23 -15.61 -3.14
N MET A 163 -0.46 -16.65 -2.82
CA MET A 163 -0.77 -17.98 -3.35
CA MET A 163 -0.73 -18.01 -3.34
C MET A 163 -0.97 -18.95 -2.17
N PRO A 164 -1.97 -18.61 -1.32
CA PRO A 164 -2.20 -19.39 -0.09
C PRO A 164 -2.39 -20.86 -0.36
N GLN A 165 -2.82 -21.20 -1.58
CA GLN A 165 -3.13 -22.58 -1.94
C GLN A 165 -1.87 -23.41 -2.08
N ASP A 166 -0.97 -22.94 -2.94
CA ASP A 166 0.18 -23.72 -3.41
C ASP A 166 1.14 -24.12 -2.28
N PRO A 167 1.19 -25.42 -1.93
CA PRO A 167 1.98 -25.76 -0.74
C PRO A 167 3.50 -25.62 -0.89
N VAL A 168 4.04 -25.61 -2.13
CA VAL A 168 5.48 -25.37 -2.34
C VAL A 168 5.80 -23.89 -2.10
N VAL A 169 4.96 -23.02 -2.64
CA VAL A 169 5.16 -21.61 -2.56
C VAL A 169 4.99 -21.15 -1.11
N VAL A 170 3.96 -21.66 -0.45
CA VAL A 170 3.76 -21.42 1.00
C VAL A 170 4.96 -21.88 1.79
N ALA A 171 5.42 -23.11 1.46
CA ALA A 171 6.63 -23.66 2.06
C ALA A 171 7.85 -22.75 1.83
N GLU A 172 7.98 -22.20 0.62
CA GLU A 172 9.09 -21.24 0.37
C GLU A 172 8.91 -19.92 1.16
N GLY A 173 7.68 -19.39 1.17
CA GLY A 173 7.32 -18.31 2.13
C GLY A 173 7.74 -18.59 3.56
N ARG A 174 7.44 -19.82 4.03
CA ARG A 174 7.71 -20.23 5.41
CA ARG A 174 7.75 -20.24 5.42
C ARG A 174 9.22 -20.23 5.68
N SER A 175 9.99 -20.73 4.73
CA SER A 175 11.44 -20.75 4.93
C SER A 175 12.05 -19.34 4.93
N ALA A 176 11.53 -18.50 4.02
CA ALA A 176 12.05 -17.13 3.88
C ALA A 176 11.72 -16.37 5.15
N HIS A 177 10.53 -16.64 5.65
CA HIS A 177 10.06 -16.06 6.91
C HIS A 177 11.00 -16.44 8.06
N ALA A 178 11.38 -17.71 8.14
CA ALA A 178 12.25 -18.14 9.19
C ALA A 178 13.66 -17.56 9.04
N ALA A 179 14.17 -17.28 7.86
CA ALA A 179 15.47 -16.65 7.74
C ALA A 179 15.41 -15.17 8.19
N MET A 180 14.31 -14.54 7.85
CA MET A 180 14.14 -13.14 8.26
C MET A 180 14.02 -13.10 9.78
N GLU A 181 13.23 -14.03 10.31
CA GLU A 181 13.01 -14.15 11.76
C GLU A 181 14.34 -14.29 12.51
N ALA A 182 15.26 -15.08 11.97
CA ALA A 182 16.55 -15.27 12.60
C ALA A 182 17.41 -14.02 12.58
N GLN A 183 17.42 -13.27 11.48
CA GLN A 183 18.09 -12.00 11.47
C GLN A 183 17.46 -11.02 12.50
N LEU A 184 16.17 -11.05 12.53
CA LEU A 184 15.42 -10.04 13.36
C LEU A 184 15.44 -10.43 14.86
N ARG A 185 15.41 -11.74 15.16
CA ARG A 185 15.72 -12.22 16.52
C ARG A 185 17.04 -11.77 16.99
N GLU A 186 18.05 -11.95 16.18
CA GLU A 186 19.39 -11.56 16.58
C GLU A 186 19.47 -10.08 16.89
N ILE A 187 18.85 -9.27 16.02
CA ILE A 187 18.79 -7.84 16.25
C ILE A 187 17.97 -7.53 17.53
N ALA A 188 16.80 -8.14 17.66
CA ALA A 188 15.93 -7.89 18.83
C ALA A 188 16.57 -8.28 20.19
N GLU A 189 17.31 -9.39 20.17
CA GLU A 189 18.05 -9.80 21.38
C GLU A 189 19.15 -8.82 21.81
N ARG A 190 19.82 -8.14 20.86
CA ARG A 190 20.85 -7.14 21.15
C ARG A 190 20.29 -5.87 21.85
N GLU A 191 18.99 -5.64 21.65
CA GLU A 191 18.31 -4.47 22.20
C GLU A 191 18.32 -4.48 23.74
N VAL A 192 18.20 -5.67 24.37
CA VAL A 192 18.26 -5.76 25.86
C VAL A 192 19.49 -5.05 26.50
N ALA A 193 20.69 -5.37 26.02
CA ALA A 193 21.93 -4.78 26.53
C ALA A 193 22.36 -3.51 25.79
N HIS A 194 21.90 -3.31 24.56
CA HIS A 194 22.31 -2.16 23.73
C HIS A 194 21.12 -1.55 23.01
N PRO A 195 20.15 -0.96 23.78
CA PRO A 195 18.99 -0.45 23.07
C PRO A 195 19.47 0.48 21.94
N SER A 196 18.81 0.38 20.79
CA SER A 196 19.19 1.18 19.64
C SER A 196 18.23 2.34 19.46
N ASP A 197 18.59 3.18 18.53
CA ASP A 197 17.71 4.26 18.06
C ASP A 197 16.83 3.86 16.86
N THR A 198 16.61 2.58 16.57
CA THR A 198 15.84 2.28 15.36
C THR A 198 14.41 2.09 15.70
N LEU A 199 13.57 1.96 14.66
CA LEU A 199 12.21 1.69 14.92
C LEU A 199 12.07 0.32 15.59
N LEU A 200 12.94 -0.64 15.22
CA LEU A 200 12.81 -1.99 15.80
C LEU A 200 13.10 -1.77 17.26
N GLY A 201 14.02 -0.90 17.55
CA GLY A 201 14.20 -0.48 18.99
C GLY A 201 13.00 0.09 19.76
N GLU A 202 12.25 1.01 19.16
CA GLU A 202 11.01 1.54 19.76
C GLU A 202 10.01 0.38 19.92
N ILE A 203 10.00 -0.58 19.01
CA ILE A 203 9.00 -1.66 19.11
C ILE A 203 9.33 -2.54 20.32
N ALA A 204 10.62 -2.83 20.48
CA ALA A 204 11.01 -3.74 21.58
C ALA A 204 10.59 -3.10 22.89
N ARG A 205 10.79 -1.81 23.00
CA ARG A 205 10.33 -1.05 24.16
C ARG A 205 8.81 -0.89 24.34
N ALA A 206 8.05 -0.75 23.26
CA ALA A 206 6.60 -0.74 23.33
C ALA A 206 5.97 -2.08 23.70
N ILE A 207 6.62 -3.17 23.32
CA ILE A 207 6.15 -4.50 23.72
C ILE A 207 6.14 -4.61 25.24
N VAL A 208 7.20 -4.11 25.86
CA VAL A 208 7.25 -4.08 27.33
C VAL A 208 6.17 -3.16 27.97
N ALA A 209 5.97 -1.96 27.43
CA ALA A 209 4.89 -1.02 27.91
C ALA A 209 3.42 -1.55 27.85
N GLU A 210 3.17 -2.57 27.04
CA GLU A 210 1.90 -3.24 26.95
C GLU A 210 1.98 -4.60 27.65
N GLY A 211 3.13 -4.86 28.28
CA GLY A 211 3.49 -6.11 28.94
C GLY A 211 3.51 -7.42 28.16
N LEU A 212 3.91 -7.35 26.89
CA LEU A 212 3.81 -8.47 25.97
C LEU A 212 5.21 -9.09 25.89
N GLY A 213 5.32 -10.18 25.13
CA GLY A 213 6.58 -10.99 25.08
C GLY A 213 6.26 -12.46 25.20
N GLU A 216 3.53 -11.92 22.41
CA GLU A 216 3.95 -11.06 21.30
C GLU A 216 5.45 -10.71 21.12
N ALA A 217 6.01 -11.24 20.04
CA ALA A 217 7.39 -11.15 19.75
C ALA A 217 7.66 -9.84 18.96
N CYS A 218 8.76 -9.22 19.29
CA CYS A 218 9.26 -8.13 18.51
C CYS A 218 9.37 -8.47 17.03
N GLU A 219 9.89 -9.65 16.72
CA GLU A 219 10.05 -10.07 15.31
C GLU A 219 8.73 -10.08 14.62
N GLY A 220 7.73 -10.52 15.35
CA GLY A 220 6.37 -10.60 14.86
C GLY A 220 5.84 -9.25 14.41
N VAL A 221 6.00 -8.26 15.28
CA VAL A 221 5.53 -6.91 14.97
C VAL A 221 6.26 -6.41 13.71
N VAL A 222 7.57 -6.52 13.73
CA VAL A 222 8.41 -6.05 12.62
C VAL A 222 7.97 -6.73 11.32
N LEU A 223 7.82 -8.04 11.33
CA LEU A 223 7.46 -8.75 10.09
C LEU A 223 6.11 -8.29 9.62
N THR A 224 5.18 -8.01 10.54
CA THR A 224 3.90 -7.45 10.10
C THR A 224 4.07 -6.11 9.40
N LEU A 225 4.95 -5.25 9.93
CA LEU A 225 5.18 -3.98 9.32
C LEU A 225 5.89 -4.13 7.97
N ILE A 226 6.85 -5.04 7.89
CA ILE A 226 7.53 -5.30 6.60
C ILE A 226 6.55 -5.76 5.51
N LEU A 227 5.76 -6.74 5.80
CA LEU A 227 4.80 -7.28 4.84
C LEU A 227 3.75 -6.27 4.46
N GLY A 228 3.36 -5.43 5.41
CA GLY A 228 2.37 -4.41 5.08
C GLY A 228 2.89 -3.23 4.30
N SER A 229 4.21 -2.96 4.33
CA SER A 229 4.77 -1.79 3.68
C SER A 229 5.62 -2.01 2.45
N TYR A 230 6.18 -3.21 2.28
CA TYR A 230 7.39 -3.32 1.40
C TYR A 230 7.03 -3.10 -0.04
N GLU A 231 5.97 -3.76 -0.43
CA GLU A 231 5.40 -3.52 -1.79
C GLU A 231 4.35 -2.42 -1.95
N THR A 232 3.52 -2.26 -0.96
CA THR A 232 2.50 -1.19 -0.97
C THR A 232 3.17 0.14 -1.20
N THR A 233 4.27 0.42 -0.47
CA THR A 233 4.91 1.67 -0.60
C THR A 233 5.32 1.98 -2.05
N SER A 234 5.86 0.96 -2.75
CA SER A 234 6.27 1.16 -4.13
C SER A 234 5.09 1.53 -5.07
N TRP A 235 3.96 0.92 -4.84
CA TRP A 235 2.76 1.17 -5.75
C TRP A 235 2.17 2.53 -5.44
N MET A 236 2.19 2.94 -4.16
CA MET A 236 1.78 4.34 -3.82
C MET A 236 2.68 5.38 -4.39
N LEU A 237 3.99 5.15 -4.27
CA LEU A 237 4.93 6.06 -4.88
C LEU A 237 4.82 6.07 -6.38
N ALA A 238 4.62 4.90 -6.99
CA ALA A 238 4.53 4.81 -8.40
C ALA A 238 3.34 5.67 -8.88
N ASN A 239 2.18 5.51 -8.28
CA ASN A 239 1.01 6.24 -8.80
C ASN A 239 0.98 7.71 -8.43
N LEU A 240 1.74 8.13 -7.41
CA LEU A 240 1.96 9.50 -7.13
C LEU A 240 2.78 10.13 -8.23
N LEU A 241 3.85 9.44 -8.62
CA LEU A 241 4.65 9.98 -9.65
C LEU A 241 3.83 10.04 -10.98
N VAL A 242 3.01 9.04 -11.25
CA VAL A 242 2.16 9.05 -12.45
C VAL A 242 1.32 10.31 -12.43
N ALA A 243 0.65 10.53 -11.33
CA ALA A 243 -0.27 11.68 -11.17
C ALA A 243 0.46 12.93 -11.34
N LEU A 244 1.66 13.07 -10.75
CA LEU A 244 2.40 14.31 -10.94
C LEU A 244 2.92 14.49 -12.38
N LEU A 245 3.63 13.50 -12.92
CA LEU A 245 4.18 13.62 -14.26
C LEU A 245 3.10 13.76 -15.32
N ALA A 246 1.94 13.19 -15.09
CA ALA A 246 0.82 13.33 -16.06
C ALA A 246 0.13 14.74 -15.98
N HIS A 247 0.49 15.58 -15.04
CA HIS A 247 -0.27 16.87 -14.82
C HIS A 247 0.71 17.92 -14.71
N PRO A 248 1.32 18.28 -15.87
CA PRO A 248 2.27 19.33 -15.73
C PRO A 248 1.70 20.67 -15.17
N ASP A 249 0.40 20.97 -15.26
CA ASP A 249 -0.10 22.22 -14.66
C ASP A 249 0.05 22.11 -13.10
N ALA A 250 -0.22 20.93 -12.58
CA ALA A 250 -0.12 20.66 -11.16
C ALA A 250 1.32 20.66 -10.76
N MET A 251 2.21 20.11 -11.59
CA MET A 251 3.62 20.07 -11.19
C MET A 251 4.16 21.48 -11.15
N ASN A 252 3.63 22.35 -12.00
CA ASN A 252 4.02 23.80 -11.96
C ASN A 252 3.55 24.54 -10.68
N GLN A 253 2.29 24.33 -10.32
CA GLN A 253 1.78 24.83 -9.07
C GLN A 253 2.62 24.35 -7.89
N LEU A 254 2.98 23.06 -7.83
CA LEU A 254 3.77 22.52 -6.70
C LEU A 254 5.12 23.18 -6.57
N ARG A 255 5.73 23.55 -7.68
CA ARG A 255 7.05 24.19 -7.66
CA ARG A 255 7.07 24.16 -7.62
C ARG A 255 6.94 25.54 -7.00
N GLN A 256 5.91 26.28 -7.43
CA GLN A 256 5.58 27.59 -6.87
C GLN A 256 5.27 27.48 -5.37
N GLN A 257 4.58 26.41 -4.96
CA GLN A 257 4.07 26.26 -3.58
CA GLN A 257 4.03 26.27 -3.59
C GLN A 257 4.26 24.83 -3.06
N PRO A 258 5.49 24.51 -2.65
CA PRO A 258 5.85 23.19 -2.14
C PRO A 258 5.00 22.60 -0.98
N SER A 259 4.32 23.45 -0.20
CA SER A 259 3.55 22.93 0.94
C SER A 259 2.16 22.38 0.53
N LEU A 260 1.89 22.45 -0.77
CA LEU A 260 0.74 21.79 -1.36
C LEU A 260 0.95 20.28 -1.63
N LEU A 261 2.17 19.79 -1.43
CA LEU A 261 2.45 18.42 -1.77
C LEU A 261 1.56 17.39 -1.00
N PRO A 262 1.37 17.57 0.32
CA PRO A 262 0.50 16.61 1.04
C PRO A 262 -0.89 16.52 0.51
N GLN A 263 -1.49 17.66 0.16
CA GLN A 263 -2.85 17.53 -0.37
C GLN A 263 -2.84 17.00 -1.84
N ALA A 264 -1.77 17.28 -2.58
CA ALA A 264 -1.54 16.66 -3.88
C ALA A 264 -1.46 15.16 -3.76
N ILE A 265 -0.78 14.67 -2.72
CA ILE A 265 -0.74 13.26 -2.48
C ILE A 265 -2.10 12.67 -2.23
N GLU A 266 -2.93 13.33 -1.42
CA GLU A 266 -4.26 12.86 -1.12
C GLU A 266 -5.05 12.77 -2.43
N GLU A 267 -4.91 13.78 -3.26
CA GLU A 267 -5.64 13.72 -4.57
C GLU A 267 -5.11 12.60 -5.52
N SER A 268 -3.78 12.30 -5.48
CA SER A 268 -3.20 11.17 -6.23
C SER A 268 -3.77 9.88 -5.78
N THR A 269 -4.02 9.76 -4.47
CA THR A 269 -4.59 8.53 -3.98
C THR A 269 -6.07 8.38 -4.37
N ARG A 270 -6.76 9.47 -4.62
CA ARG A 270 -8.18 9.36 -5.11
C ARG A 270 -8.22 9.07 -6.63
N TRP A 271 -7.49 9.88 -7.36
CA TRP A 271 -7.48 9.81 -8.82
C TRP A 271 -6.82 8.55 -9.35
N CYS A 272 -5.82 8.04 -8.62
CA CYS A 272 -5.11 6.83 -9.09
C CYS A 272 -4.60 6.04 -7.90
N SER A 273 -5.52 5.56 -7.08
CA SER A 273 -5.18 4.62 -5.98
C SER A 273 -4.46 3.37 -6.45
N SER A 274 -3.43 2.95 -5.68
CA SER A 274 -2.76 1.69 -5.94
C SER A 274 -3.40 0.48 -5.31
N ALA A 275 -4.35 0.68 -4.40
CA ALA A 275 -4.98 -0.42 -3.68
C ALA A 275 -6.26 -0.70 -4.40
N ALA A 276 -6.29 -1.79 -5.14
CA ALA A 276 -7.53 -2.17 -5.84
C ALA A 276 -8.64 -2.76 -4.97
N GLY A 277 -8.28 -3.49 -3.94
CA GLY A 277 -9.30 -4.18 -3.20
C GLY A 277 -8.76 -4.99 -2.06
N ILE A 278 -9.70 -5.43 -1.23
CA ILE A 278 -9.42 -6.26 -0.10
C ILE A 278 -10.54 -7.27 0.02
N VAL A 279 -10.27 -8.30 0.82
CA VAL A 279 -11.12 -9.42 0.87
C VAL A 279 -11.71 -9.60 2.30
N ARG A 280 -12.97 -10.02 2.36
CA ARG A 280 -13.68 -10.44 3.62
C ARG A 280 -14.33 -11.83 3.48
N PHE A 281 -14.60 -12.43 4.63
CA PHE A 281 -15.16 -13.79 4.80
C PHE A 281 -16.55 -13.61 5.38
N VAL A 282 -17.57 -14.20 4.72
CA VAL A 282 -18.96 -13.95 5.15
C VAL A 282 -19.30 -15.00 6.21
N GLU A 283 -19.38 -14.57 7.46
CA GLU A 283 -19.48 -15.46 8.62
C GLU A 283 -20.92 -15.98 8.78
N ARG A 284 -21.88 -15.18 8.39
CA ARG A 284 -23.29 -15.56 8.40
CA ARG A 284 -23.28 -15.58 8.39
C ARG A 284 -23.99 -14.98 7.17
N GLU A 285 -24.95 -15.73 6.61
CA GLU A 285 -25.62 -15.24 5.38
C GLU A 285 -25.99 -13.77 5.48
N ALA A 286 -25.74 -13.03 4.41
CA ALA A 286 -26.11 -11.63 4.43
C ALA A 286 -26.48 -11.23 3.06
N THR A 287 -27.08 -10.06 2.98
CA THR A 287 -27.44 -9.46 1.72
C THR A 287 -26.83 -8.06 1.57
N ILE A 288 -26.29 -7.78 0.39
CA ILE A 288 -25.67 -6.49 0.13
C ILE A 288 -26.08 -6.22 -1.29
N GLY A 289 -26.52 -5.01 -1.53
CA GLY A 289 -27.05 -4.63 -2.83
C GLY A 289 -27.97 -5.65 -3.43
N GLY A 290 -28.68 -6.43 -2.60
CA GLY A 290 -29.87 -7.16 -3.04
C GLY A 290 -29.52 -8.56 -3.45
N GLU A 291 -28.25 -8.87 -3.32
CA GLU A 291 -27.77 -10.13 -3.68
C GLU A 291 -27.52 -10.82 -2.38
N THR A 292 -27.69 -12.14 -2.40
CA THR A 292 -27.49 -12.96 -1.25
C THR A 292 -26.14 -13.55 -1.24
N LEU A 293 -25.52 -13.46 -0.08
CA LEU A 293 -24.21 -13.94 0.12
C LEU A 293 -24.27 -15.01 1.19
N ALA A 294 -24.08 -16.26 0.76
CA ALA A 294 -24.08 -17.40 1.69
C ALA A 294 -22.96 -17.29 2.73
N ALA A 295 -23.26 -17.68 3.98
CA ALA A 295 -22.17 -17.98 4.94
C ALA A 295 -21.07 -18.72 4.20
N GLY A 296 -19.82 -18.36 4.40
CA GLY A 296 -18.72 -19.06 3.74
C GLY A 296 -18.20 -18.44 2.43
N THR A 297 -18.88 -17.43 1.91
CA THR A 297 -18.44 -16.73 0.72
C THR A 297 -17.18 -15.90 0.97
N ILE A 298 -16.27 -15.90 0.00
CA ILE A 298 -15.14 -14.95 -0.03
C ILE A 298 -15.50 -13.75 -0.91
N LEU A 299 -15.50 -12.55 -0.31
CA LEU A 299 -16.01 -11.31 -0.90
C LEU A 299 -14.88 -10.30 -1.12
N TYR A 300 -14.80 -9.74 -2.34
CA TYR A 300 -13.83 -8.76 -2.68
C TYR A 300 -14.48 -7.37 -2.71
N LEU A 301 -13.82 -6.42 -2.04
CA LEU A 301 -14.33 -5.03 -1.96
C LEU A 301 -13.47 -4.11 -2.79
N SER A 302 -14.08 -3.44 -3.78
CA SER A 302 -13.37 -2.47 -4.56
C SER A 302 -13.06 -1.22 -3.72
N LEU A 303 -11.79 -0.89 -3.65
CA LEU A 303 -11.36 0.34 -2.97
C LEU A 303 -11.18 1.46 -3.98
N ILE A 304 -11.53 1.24 -5.26
CA ILE A 304 -11.42 2.25 -6.29
C ILE A 304 -12.75 2.87 -6.77
N ALA A 305 -13.80 2.05 -6.88
CA ALA A 305 -15.00 2.56 -7.54
C ALA A 305 -15.54 3.87 -6.89
N ARG A 306 -15.54 3.91 -5.58
CA ARG A 306 -15.95 5.16 -4.81
C ARG A 306 -15.22 6.36 -5.30
N HIS A 307 -13.90 6.24 -5.61
CA HIS A 307 -13.14 7.38 -6.00
C HIS A 307 -13.62 8.03 -7.29
N TYR A 308 -14.25 7.23 -8.14
CA TYR A 308 -14.81 7.68 -9.45
C TYR A 308 -16.37 7.90 -9.44
N ASP A 309 -17.02 7.91 -8.28
CA ASP A 309 -18.51 8.20 -8.16
C ASP A 309 -18.68 9.72 -8.13
N GLU A 310 -19.12 10.31 -9.26
CA GLU A 310 -19.38 11.78 -9.42
C GLU A 310 -20.26 12.39 -8.34
N GLU A 311 -21.11 11.61 -7.69
CA GLU A 311 -21.92 12.11 -6.59
C GLU A 311 -21.07 12.42 -5.37
N ILE A 312 -19.93 11.76 -5.28
CA ILE A 312 -19.09 11.93 -4.13
C ILE A 312 -18.00 12.93 -4.43
N TYR A 313 -17.34 12.75 -5.58
CA TYR A 313 -16.27 13.60 -6.03
C TYR A 313 -16.61 14.13 -7.41
N PRO A 314 -17.11 15.36 -7.51
CA PRO A 314 -17.42 15.86 -8.87
C PRO A 314 -16.23 15.96 -9.85
N ARG A 315 -16.53 15.76 -11.14
CA ARG A 315 -15.55 15.65 -12.18
CA ARG A 315 -15.50 15.71 -12.16
C ARG A 315 -14.43 14.66 -11.68
N PRO A 316 -14.80 13.46 -11.34
CA PRO A 316 -13.82 12.57 -10.63
C PRO A 316 -12.61 12.22 -11.53
N GLU A 317 -12.83 12.28 -12.84
CA GLU A 317 -11.77 12.00 -13.79
C GLU A 317 -10.67 13.03 -13.82
N THR A 318 -10.94 14.20 -13.29
CA THR A 318 -10.02 15.32 -13.26
C THR A 318 -9.15 15.30 -11.97
N PHE A 319 -7.82 15.36 -12.17
CA PHE A 319 -6.84 15.51 -11.09
C PHE A 319 -6.79 16.96 -10.68
N ASP A 320 -7.25 17.27 -9.47
CA ASP A 320 -7.21 18.67 -8.95
C ASP A 320 -6.49 18.77 -7.65
N ILE A 321 -5.33 19.40 -7.59
CA ILE A 321 -4.57 19.44 -6.34
C ILE A 321 -5.21 20.32 -5.32
N HIS A 322 -6.15 21.15 -5.76
CA HIS A 322 -6.99 21.90 -4.79
C HIS A 322 -8.27 21.24 -4.32
N ARG A 323 -8.61 20.05 -4.82
CA ARG A 323 -9.75 19.33 -4.32
C ARG A 323 -9.79 19.06 -2.83
N ARG A 324 -8.67 18.74 -2.19
CA ARG A 324 -8.67 18.37 -0.78
C ARG A 324 -9.67 17.26 -0.44
N PRO A 325 -9.63 16.14 -1.19
CA PRO A 325 -10.62 15.11 -0.99
C PRO A 325 -10.47 14.37 0.32
N VAL A 326 -11.58 13.89 0.87
CA VAL A 326 -11.54 12.99 2.03
C VAL A 326 -12.39 11.72 1.74
N GLY A 327 -12.27 10.70 2.55
CA GLY A 327 -13.13 9.55 2.49
C GLY A 327 -12.70 8.53 1.45
N MET A 328 -11.46 8.66 1.00
CA MET A 328 -10.86 7.65 0.09
C MET A 328 -10.75 6.29 0.79
N LEU A 329 -10.68 5.20 0.03
CA LEU A 329 -10.71 3.86 0.54
C LEU A 329 -9.35 3.19 0.42
N ASN A 330 -8.35 3.92 -0.06
CA ASN A 330 -6.99 3.33 -0.34
C ASN A 330 -6.37 2.70 0.88
N PHE A 331 -6.67 3.22 2.09
CA PHE A 331 -6.16 2.65 3.33
C PHE A 331 -7.26 1.86 4.05
N GLY A 332 -8.35 1.55 3.35
CA GLY A 332 -9.40 0.79 3.97
C GLY A 332 -10.31 1.68 4.80
N GLY A 333 -10.93 1.06 5.80
CA GLY A 333 -11.93 1.71 6.65
C GLY A 333 -12.37 0.82 7.78
N GLY A 334 -12.68 1.38 8.93
CA GLY A 334 -13.15 0.57 10.03
C GLY A 334 -12.03 0.07 10.87
N LEU A 335 -12.28 -1.05 11.49
CA LEU A 335 -11.35 -1.70 12.46
C LEU A 335 -9.90 -1.84 11.96
N HIS A 336 -9.81 -2.32 10.73
CA HIS A 336 -8.53 -2.62 10.13
C HIS A 336 -7.95 -1.52 9.27
N TYR A 337 -8.43 -0.27 9.37
CA TYR A 337 -7.88 0.85 8.63
C TYR A 337 -6.37 0.85 8.76
N CYS A 338 -5.67 1.02 7.65
CA CYS A 338 -4.19 0.88 7.66
C CYS A 338 -3.45 1.61 8.75
N VAL A 339 -2.81 0.84 9.65
CA VAL A 339 -2.02 1.44 10.72
C VAL A 339 -0.76 2.09 10.27
N GLY A 340 -0.29 1.68 9.08
CA GLY A 340 0.84 2.27 8.44
C GLY A 340 0.72 3.57 7.61
N ALA A 341 -0.51 4.01 7.40
CA ALA A 341 -0.81 5.21 6.65
C ALA A 341 0.06 6.44 7.02
N PRO A 342 0.42 6.62 8.30
CA PRO A 342 1.30 7.80 8.58
C PRO A 342 2.71 7.67 7.97
N LEU A 343 3.19 6.42 7.93
CA LEU A 343 4.54 6.17 7.34
C LEU A 343 4.46 6.32 5.84
N ALA A 344 3.42 5.74 5.23
CA ALA A 344 3.24 5.86 3.78
C ALA A 344 3.17 7.32 3.36
N ARG A 345 2.32 8.10 4.03
CA ARG A 345 2.20 9.51 3.70
C ARG A 345 3.49 10.29 3.87
N MET A 346 4.24 10.01 4.93
CA MET A 346 5.43 10.69 5.15
C MET A 346 6.53 10.34 4.11
N GLU A 347 6.63 9.05 3.84
CA GLU A 347 7.65 8.61 2.88
C GLU A 347 7.35 9.18 1.49
N ALA A 348 6.11 9.17 1.09
CA ALA A 348 5.72 9.82 -0.16
C ALA A 348 6.07 11.29 -0.16
N ARG A 349 5.73 12.03 0.88
CA ARG A 349 6.08 13.43 0.93
C ARG A 349 7.58 13.72 0.88
N VAL A 350 8.34 13.03 1.70
CA VAL A 350 9.77 13.20 1.78
C VAL A 350 10.50 12.86 0.49
N GLY A 351 10.23 11.66 -0.01
CA GLY A 351 10.81 11.23 -1.25
C GLY A 351 10.53 12.14 -2.41
N VAL A 352 9.25 12.42 -2.61
CA VAL A 352 8.84 13.16 -3.77
C VAL A 352 9.27 14.60 -3.72
N SER A 353 9.22 15.22 -2.55
CA SER A 353 9.75 16.57 -2.39
C SER A 353 11.26 16.71 -2.76
N LEU A 354 12.03 15.73 -2.38
CA LEU A 354 13.44 15.72 -2.71
C LEU A 354 13.71 15.52 -4.16
N LEU A 355 12.94 14.66 -4.79
CA LEU A 355 13.06 14.36 -6.23
C LEU A 355 12.71 15.61 -7.02
N LEU A 356 11.61 16.25 -6.63
CA LEU A 356 11.06 17.45 -7.35
C LEU A 356 12.04 18.58 -7.24
N GLU A 357 12.61 18.78 -6.06
CA GLU A 357 13.45 19.95 -5.89
C GLU A 357 14.78 19.76 -6.62
N ARG A 358 15.21 18.51 -6.76
CA ARG A 358 16.47 18.20 -7.42
C ARG A 358 16.38 18.22 -8.94
N PHE A 359 15.22 17.93 -9.50
CA PHE A 359 15.05 17.84 -10.93
C PHE A 359 13.98 18.82 -11.36
N PRO A 360 14.32 20.10 -11.36
CA PRO A 360 13.44 21.13 -11.91
C PRO A 360 12.77 20.72 -13.24
N ALA A 361 13.45 19.99 -14.12
CA ALA A 361 12.87 19.68 -15.45
C ALA A 361 12.10 18.38 -15.55
N LEU A 362 11.94 17.69 -14.40
CA LEU A 362 11.32 16.36 -14.36
C LEU A 362 10.03 16.33 -15.19
N ARG A 363 9.91 15.36 -16.10
CA ARG A 363 8.72 15.19 -16.88
C ARG A 363 8.57 13.85 -17.50
N ALA A 364 7.37 13.61 -18.00
CA ALA A 364 7.05 12.41 -18.62
C ALA A 364 7.92 12.24 -19.87
N ASP A 365 8.30 11.01 -20.18
CA ASP A 365 8.97 10.72 -21.45
CA ASP A 365 9.00 10.64 -21.46
C ASP A 365 7.96 10.39 -22.52
N PRO A 366 7.81 11.30 -23.52
CA PRO A 366 6.81 11.05 -24.58
C PRO A 366 6.97 9.77 -25.43
N THR A 367 8.12 9.13 -25.43
CA THR A 367 8.26 7.97 -26.32
C THR A 367 7.85 6.60 -25.80
N VAL A 368 7.50 6.49 -24.52
CA VAL A 368 7.12 5.20 -23.96
C VAL A 368 5.74 5.36 -23.40
N GLN A 369 4.87 4.38 -23.67
CA GLN A 369 3.47 4.35 -23.34
C GLN A 369 3.26 3.26 -22.25
N PRO A 370 3.40 3.62 -21.00
CA PRO A 370 3.11 2.63 -19.96
C PRO A 370 1.70 2.02 -20.04
N THR A 371 1.52 0.74 -19.66
CA THR A 371 0.19 0.17 -19.49
C THR A 371 -0.24 0.00 -18.01
N PHE A 372 -1.47 0.42 -17.72
CA PHE A 372 -2.12 0.33 -16.39
C PHE A 372 -2.97 -0.90 -16.32
N SER A 373 -2.80 -1.65 -15.24
CA SER A 373 -3.57 -2.86 -15.00
C SER A 373 -3.62 -3.16 -13.52
N THR A 374 -4.36 -4.19 -13.20
CA THR A 374 -4.48 -4.65 -11.81
C THR A 374 -3.52 -5.81 -11.52
N ALA A 375 -2.68 -6.14 -12.50
CA ALA A 375 -1.54 -6.99 -12.20
C ALA A 375 -0.29 -6.47 -12.84
N PRO A 376 0.09 -5.20 -12.58
CA PRO A 376 1.30 -4.64 -13.19
C PRO A 376 2.56 -5.33 -12.68
N ARG A 377 3.36 -5.87 -13.60
CA ARG A 377 4.51 -6.78 -13.24
C ARG A 377 4.09 -7.96 -12.33
N GLY A 378 2.82 -8.42 -12.44
CA GLY A 378 2.25 -9.44 -11.55
C GLY A 378 1.88 -9.01 -10.11
N ALA A 379 2.11 -7.77 -9.74
CA ALA A 379 1.86 -7.34 -8.37
C ALA A 379 0.39 -7.26 -8.11
N ALA A 380 0.04 -7.30 -6.84
CA ALA A 380 -1.35 -7.18 -6.39
C ALA A 380 -1.58 -5.70 -6.12
N ALA A 381 -1.75 -4.91 -7.19
CA ALA A 381 -1.90 -3.46 -7.03
C ALA A 381 -2.64 -3.02 -8.25
N PHE A 382 -3.04 -1.76 -8.28
CA PHE A 382 -3.36 -1.08 -9.55
C PHE A 382 -2.27 -0.09 -9.90
N GLY A 383 -1.74 -0.13 -11.11
CA GLY A 383 -0.67 0.77 -11.40
C GLY A 383 -0.02 0.56 -12.79
N PRO A 384 1.02 1.30 -13.08
CA PRO A 384 1.73 1.29 -14.36
C PRO A 384 2.79 0.23 -14.39
N ASP A 385 3.06 -0.28 -15.61
CA ASP A 385 4.20 -1.18 -15.76
C ASP A 385 5.53 -0.57 -15.73
N GLN A 386 5.63 0.74 -15.89
CA GLN A 386 6.84 1.51 -15.79
C GLN A 386 6.48 2.99 -15.79
N ILE A 387 7.45 3.80 -15.39
CA ILE A 387 7.28 5.23 -15.20
C ILE A 387 8.42 5.96 -15.86
N PRO A 388 8.38 5.97 -17.19
CA PRO A 388 9.50 6.57 -17.96
C PRO A 388 9.56 8.06 -17.79
N ALA A 389 10.68 8.61 -17.33
CA ALA A 389 10.86 10.03 -17.18
C ALA A 389 12.12 10.62 -17.80
N LEU A 390 12.04 11.92 -18.08
CA LEU A 390 13.11 12.71 -18.57
C LEU A 390 13.52 13.59 -17.47
N LEU A 391 14.84 13.67 -17.25
CA LEU A 391 15.38 14.42 -16.14
C LEU A 391 16.11 15.71 -16.44
N VAL A 392 16.35 16.02 -17.70
CA VAL A 392 17.20 17.20 -18.05
C VAL A 392 16.50 18.21 -19.02
N HIS A 393 16.71 19.52 -18.80
CA HIS A 393 16.62 20.66 -19.82
C HIS A 393 15.41 20.83 -20.73
#